data_7G19
#
_entry.id   7G19
#
_cell.length_a   32.465
_cell.length_b   53.881
_cell.length_c   75.272
_cell.angle_alpha   90.000
_cell.angle_beta   90.000
_cell.angle_gamma   90.000
#
_symmetry.space_group_name_H-M   'P 21 21 21'
#
loop_
_entity.id
_entity.type
_entity.pdbx_description
1 polymer 'Fatty acid-binding protein, adipocyte'
2 non-polymer 5-[2-(1H-tetrazol-5-yl)ethyl]-6,7,8,9,10,11-hexahydro-5H-cycloocta[b]indole
3 non-polymer 'SULFATE ION'
4 non-polymer 'FORMIC ACID'
5 water water
#
_entity_poly.entity_id   1
_entity_poly.type   'polypeptide(L)'
_entity_poly.pdbx_seq_one_letter_code
;GSHMCDAFVGTWKLVSSENFDDYMKEVGVGFATRKVAGMAKPNMIISVNGDVITIKSESTFKNTEISFILGQEFDEVTAD
DRKVKSTITLDGGVLVHVQKWDGKSTTIKRKREDDKLVVECVMKGVTSTRVYERA
;
_entity_poly.pdbx_strand_id   A
#
loop_
_chem_comp.id
_chem_comp.type
_chem_comp.name
_chem_comp.formula
FMT non-polymer 'FORMIC ACID' 'C H2 O2'
SO4 non-polymer 'SULFATE ION' 'O4 S -2'
WN0 non-polymer 5-[2-(1H-tetrazol-5-yl)ethyl]-6,7,8,9,10,11-hexahydro-5H-cycloocta[b]indole 'C17 H21 N5'
#
# COMPACT_ATOMS: atom_id res chain seq x y z
N SER A 2 -7.17 18.55 -10.78
CA SER A 2 -8.57 18.93 -10.86
C SER A 2 -9.47 17.77 -10.52
N HIS A 3 -8.96 16.84 -9.73
CA HIS A 3 -9.73 15.67 -9.46
C HIS A 3 -9.35 14.94 -8.30
N MET A 4 -9.81 13.66 -8.42
CA MET A 4 -10.16 12.78 -7.27
C MET A 4 -8.98 12.38 -6.43
N CYS A 5 -7.82 12.38 -6.99
CA CYS A 5 -6.71 12.05 -6.15
C CYS A 5 -5.58 13.00 -6.31
N ASP A 6 -5.83 14.26 -6.61
CA ASP A 6 -4.70 15.18 -6.95
C ASP A 6 -3.68 15.28 -5.92
N ALA A 7 -4.11 15.30 -4.67
CA ALA A 7 -3.15 15.51 -3.56
C ALA A 7 -2.31 14.23 -3.27
N PHE A 8 -2.68 13.08 -3.83
CA PHE A 8 -1.86 11.85 -3.72
C PHE A 8 -0.82 11.74 -4.84
N VAL A 9 -1.04 12.37 -5.99
CA VAL A 9 -0.19 12.13 -7.09
C VAL A 9 1.22 12.64 -6.78
N GLY A 10 2.21 11.87 -7.25
CA GLY A 10 3.59 12.26 -7.06
C GLY A 10 4.47 11.08 -6.72
N THR A 11 5.66 11.40 -6.33
CA THR A 11 6.69 10.42 -5.94
C THR A 11 6.99 10.67 -4.47
N TRP A 12 6.87 9.62 -3.68
CA TRP A 12 6.93 9.66 -2.25
C TRP A 12 8.01 8.69 -1.74
N LYS A 13 8.72 9.02 -0.69
CA LYS A 13 9.76 8.15 -0.15
C LYS A 13 9.40 7.85 1.32
N LEU A 14 9.60 6.56 1.72
CA LEU A 14 9.35 6.13 3.11
C LEU A 14 10.34 6.79 4.07
N VAL A 15 9.80 7.45 5.10
CA VAL A 15 10.64 8.02 6.12
C VAL A 15 10.50 7.44 7.52
N SER A 16 9.40 6.76 7.83
CA SER A 16 9.31 6.10 9.13
C SER A 16 8.35 4.92 9.01
N SER A 17 8.55 3.99 9.91
CA SER A 17 7.66 2.85 10.02
C SER A 17 7.53 2.49 11.48
N GLU A 18 6.36 2.03 11.86
CA GLU A 18 6.13 1.51 13.14
C GLU A 18 5.25 0.25 13.03
N ASN A 19 5.68 -0.75 13.81
CA ASN A 19 4.92 -2.03 13.94
CA ASN A 19 4.97 -2.03 13.98
C ASN A 19 4.81 -2.83 12.72
N PHE A 20 5.65 -2.61 11.71
CA PHE A 20 5.49 -3.33 10.46
C PHE A 20 5.80 -4.79 10.61
N ASP A 21 6.79 -5.16 11.42
CA ASP A 21 7.06 -6.63 11.62
C ASP A 21 5.82 -7.35 12.15
N ASP A 22 5.18 -6.77 13.16
CA ASP A 22 4.02 -7.38 13.74
C ASP A 22 2.88 -7.44 12.77
N TYR A 23 2.70 -6.41 11.93
CA TYR A 23 1.69 -6.47 10.88
C TYR A 23 1.97 -7.60 9.92
N MET A 24 3.22 -7.69 9.47
CA MET A 24 3.57 -8.78 8.56
C MET A 24 3.37 -10.16 9.20
N LYS A 25 3.71 -10.33 10.46
CA LYS A 25 3.41 -11.61 11.16
C LYS A 25 1.92 -11.91 11.11
N GLU A 26 1.07 -10.92 11.35
CA GLU A 26 -0.32 -11.11 11.40
C GLU A 26 -0.88 -11.51 10.05
N VAL A 27 -0.30 -10.99 9.01
CA VAL A 27 -0.63 -11.28 7.67
C VAL A 27 -0.21 -12.71 7.27
N GLY A 28 0.82 -13.25 7.85
CA GLY A 28 1.36 -14.58 7.59
C GLY A 28 2.69 -14.62 6.89
N VAL A 29 3.38 -13.49 6.84
CA VAL A 29 4.63 -13.43 6.14
C VAL A 29 5.74 -14.18 6.98
N GLY A 30 6.52 -14.96 6.31
CA GLY A 30 7.53 -15.74 6.99
C GLY A 30 8.79 -14.98 7.30
N PHE A 31 9.63 -15.56 8.16
CA PHE A 31 10.75 -14.89 8.76
C PHE A 31 11.62 -14.21 7.69
N ALA A 32 12.14 -14.90 6.69
CA ALA A 32 13.16 -14.28 5.82
C ALA A 32 12.56 -13.12 5.04
N THR A 33 11.35 -13.27 4.56
CA THR A 33 10.68 -12.15 3.84
C THR A 33 10.42 -11.02 4.82
N ARG A 34 10.03 -11.27 6.05
CA ARG A 34 9.86 -10.16 6.98
C ARG A 34 11.13 -9.39 7.17
N LYS A 35 12.25 -10.06 7.34
CA LYS A 35 13.48 -9.36 7.60
C LYS A 35 13.87 -8.48 6.42
N VAL A 36 13.87 -9.03 5.23
CA VAL A 36 14.31 -8.29 4.00
C VAL A 36 13.26 -7.23 3.65
N ALA A 37 11.99 -7.49 3.78
CA ALA A 37 10.96 -6.51 3.47
C ALA A 37 10.97 -5.37 4.51
N GLY A 38 11.25 -5.70 5.78
CA GLY A 38 11.28 -4.68 6.76
C GLY A 38 12.38 -3.68 6.61
N MET A 39 13.46 -4.09 5.94
CA MET A 39 14.56 -3.19 5.65
C MET A 39 14.24 -2.25 4.51
N ALA A 40 13.28 -2.51 3.63
CA ALA A 40 13.07 -1.74 2.46
C ALA A 40 12.67 -0.28 2.80
N LYS A 41 13.16 0.59 1.93
CA LYS A 41 12.80 2.03 1.99
C LYS A 41 12.14 2.41 0.68
N PRO A 42 10.91 2.00 0.44
CA PRO A 42 10.31 2.16 -0.88
C PRO A 42 10.08 3.62 -1.27
N ASN A 43 10.13 3.81 -2.60
CA ASN A 43 9.47 4.96 -3.25
C ASN A 43 8.13 4.52 -3.79
N MET A 44 7.11 5.23 -3.44
CA MET A 44 5.73 5.02 -3.88
CA MET A 44 5.73 5.00 -3.89
C MET A 44 5.40 6.10 -4.95
N ILE A 45 5.04 5.70 -6.13
CA ILE A 45 4.74 6.60 -7.22
CA ILE A 45 4.77 6.58 -7.29
C ILE A 45 3.30 6.47 -7.61
N ILE A 46 2.52 7.53 -7.42
CA ILE A 46 1.08 7.54 -7.64
C ILE A 46 0.78 8.47 -8.84
N SER A 47 0.04 7.97 -9.80
CA SER A 47 -0.37 8.75 -10.95
C SER A 47 -1.77 8.45 -11.31
N VAL A 48 -2.42 9.35 -12.05
CA VAL A 48 -3.79 9.21 -12.48
C VAL A 48 -3.88 9.58 -13.96
N ASN A 49 -4.58 8.77 -14.73
CA ASN A 49 -4.83 9.05 -16.15
C ASN A 49 -6.28 8.72 -16.37
N GLY A 50 -7.15 9.74 -16.51
CA GLY A 50 -8.58 9.51 -16.61
C GLY A 50 -9.11 8.88 -15.32
N ASP A 51 -9.81 7.77 -15.47
CA ASP A 51 -10.32 7.05 -14.30
C ASP A 51 -9.33 6.04 -13.72
N VAL A 52 -8.20 5.87 -14.34
CA VAL A 52 -7.27 4.84 -13.91
C VAL A 52 -6.19 5.42 -13.02
N ILE A 53 -6.10 4.86 -11.81
CA ILE A 53 -5.05 5.22 -10.86
C ILE A 53 -3.95 4.12 -10.89
N THR A 54 -2.73 4.56 -10.89
CA THR A 54 -1.59 3.61 -10.84
C THR A 54 -0.79 3.92 -9.61
N ILE A 55 -0.46 2.89 -8.82
CA ILE A 55 0.43 2.97 -7.64
C ILE A 55 1.59 1.98 -7.85
N LYS A 56 2.78 2.51 -8.00
CA LYS A 56 4.01 1.73 -8.05
CA LYS A 56 4.00 1.71 -8.06
C LYS A 56 4.71 1.80 -6.70
N SER A 57 5.39 0.74 -6.29
CA SER A 57 6.30 0.73 -5.17
CA SER A 57 6.31 0.73 -5.16
C SER A 57 7.62 0.17 -5.59
N GLU A 58 8.65 0.97 -5.49
CA GLU A 58 9.97 0.56 -5.94
C GLU A 58 10.93 0.51 -4.79
N SER A 59 11.59 -0.63 -4.57
CA SER A 59 12.52 -0.79 -3.50
C SER A 59 13.51 -1.86 -3.85
N THR A 60 14.52 -2.04 -3.02
CA THR A 60 15.48 -3.10 -3.24
C THR A 60 14.79 -4.45 -3.05
N PHE A 61 13.73 -4.52 -2.28
CA PHE A 61 13.00 -5.79 -1.99
C PHE A 61 12.21 -6.24 -3.22
N LYS A 62 11.37 -5.34 -3.74
CA LYS A 62 10.51 -5.65 -4.87
C LYS A 62 10.09 -4.38 -5.55
N ASN A 63 9.84 -4.48 -6.81
CA ASN A 63 9.16 -3.40 -7.55
C ASN A 63 7.78 -3.95 -7.93
N THR A 64 6.71 -3.27 -7.45
CA THR A 64 5.33 -3.64 -7.72
C THR A 64 4.59 -2.54 -8.43
N GLU A 65 3.51 -2.88 -9.09
CA GLU A 65 2.69 -1.90 -9.79
C GLU A 65 1.26 -2.40 -9.85
N ILE A 66 0.29 -1.56 -9.45
CA ILE A 66 -1.13 -1.86 -9.62
C ILE A 66 -1.74 -0.68 -10.34
N SER A 67 -2.70 -0.99 -11.22
CA SER A 67 -3.59 0.00 -11.86
C SER A 67 -5.00 -0.44 -11.63
N PHE A 68 -5.92 0.52 -11.39
CA PHE A 68 -7.27 0.20 -10.96
C PHE A 68 -8.19 1.38 -11.21
N ILE A 69 -9.46 1.09 -11.17
CA ILE A 69 -10.56 2.04 -11.14
C ILE A 69 -11.23 1.94 -9.79
N LEU A 70 -11.54 3.07 -9.15
CA LEU A 70 -12.17 3.02 -7.85
C LEU A 70 -13.43 2.18 -7.86
N GLY A 71 -13.58 1.35 -6.85
CA GLY A 71 -14.74 0.50 -6.69
C GLY A 71 -14.76 -0.75 -7.53
N GLN A 72 -13.78 -0.99 -8.36
CA GLN A 72 -13.80 -2.11 -9.30
C GLN A 72 -12.70 -3.10 -8.91
N GLU A 73 -13.11 -4.30 -8.54
CA GLU A 73 -12.18 -5.30 -8.00
C GLU A 73 -11.16 -5.74 -9.05
N PHE A 74 -10.00 -6.12 -8.59
CA PHE A 74 -8.91 -6.59 -9.46
C PHE A 74 -8.11 -7.62 -8.72
N ASP A 75 -7.41 -8.43 -9.51
CA ASP A 75 -6.53 -9.40 -8.84
CA ASP A 75 -6.29 -9.33 -9.05
C ASP A 75 -5.08 -8.72 -8.74
N GLU A 76 -4.46 -8.98 -7.60
CA GLU A 76 -3.15 -8.40 -7.24
C GLU A 76 -2.26 -9.55 -6.71
N VAL A 77 -1.00 -9.52 -7.12
CA VAL A 77 0.02 -10.35 -6.47
C VAL A 77 0.84 -9.39 -5.62
N THR A 78 0.77 -9.57 -4.30
CA THR A 78 1.39 -8.67 -3.40
C THR A 78 2.91 -8.90 -3.36
N ALA A 79 3.63 -7.95 -2.76
CA ALA A 79 5.10 -8.06 -2.71
C ALA A 79 5.58 -9.34 -1.97
N ASP A 80 4.80 -9.73 -0.99
CA ASP A 80 5.04 -10.99 -0.23
C ASP A 80 4.37 -12.21 -0.87
N ASP A 81 3.94 -12.09 -2.12
CA ASP A 81 3.48 -13.24 -2.95
CA ASP A 81 3.43 -13.18 -2.98
C ASP A 81 2.13 -13.80 -2.58
N ARG A 82 1.26 -13.03 -1.94
CA ARG A 82 -0.13 -13.44 -1.78
C ARG A 82 -0.89 -13.11 -3.07
N LYS A 83 -1.80 -13.99 -3.45
CA LYS A 83 -2.71 -13.80 -4.59
CA LYS A 83 -2.65 -13.75 -4.63
C LYS A 83 -4.01 -13.32 -4.00
N VAL A 84 -4.34 -12.01 -4.14
CA VAL A 84 -5.43 -11.46 -3.43
C VAL A 84 -6.38 -10.78 -4.44
N LYS A 85 -7.61 -10.63 -3.99
CA LYS A 85 -8.59 -9.84 -4.71
CA LYS A 85 -8.69 -9.86 -4.65
C LYS A 85 -8.76 -8.52 -3.95
N SER A 86 -8.48 -7.45 -4.69
CA SER A 86 -8.37 -6.10 -4.15
C SER A 86 -9.47 -5.22 -4.65
N THR A 87 -9.94 -4.31 -3.78
CA THR A 87 -10.88 -3.25 -4.17
C THR A 87 -10.42 -2.00 -3.46
N ILE A 88 -10.27 -0.88 -4.24
CA ILE A 88 -9.79 0.37 -3.69
C ILE A 88 -10.90 1.41 -3.94
N THR A 89 -11.29 2.12 -2.87
CA THR A 89 -12.28 3.17 -2.91
C THR A 89 -11.74 4.43 -2.25
N LEU A 90 -12.43 5.56 -2.46
CA LEU A 90 -12.18 6.79 -1.74
C LEU A 90 -13.28 6.98 -0.70
N ASP A 91 -12.94 7.19 0.52
CA ASP A 91 -13.91 7.35 1.61
C ASP A 91 -13.52 8.58 2.34
N GLY A 92 -14.28 9.65 2.16
CA GLY A 92 -13.89 10.86 2.84
C GLY A 92 -12.46 11.37 2.62
N GLY A 93 -12.03 11.29 1.38
CA GLY A 93 -10.64 11.70 1.00
C GLY A 93 -9.48 10.72 1.33
N VAL A 94 -9.84 9.55 1.84
CA VAL A 94 -8.87 8.48 2.18
C VAL A 94 -9.01 7.38 1.16
N LEU A 95 -7.87 6.98 0.59
CA LEU A 95 -7.89 5.80 -0.31
C LEU A 95 -7.91 4.56 0.58
N VAL A 96 -8.89 3.74 0.43
CA VAL A 96 -9.03 2.51 1.23
C VAL A 96 -8.91 1.27 0.33
N HIS A 97 -7.89 0.48 0.62
CA HIS A 97 -7.50 -0.68 -0.19
C HIS A 97 -7.75 -1.93 0.60
N VAL A 98 -8.73 -2.74 0.22
CA VAL A 98 -9.03 -3.99 0.90
C VAL A 98 -8.54 -5.15 0.04
N GLN A 99 -7.80 -6.04 0.70
CA GLN A 99 -7.28 -7.26 0.07
C GLN A 99 -7.93 -8.51 0.73
N LYS A 100 -8.48 -9.38 -0.07
CA LYS A 100 -9.15 -10.62 0.38
C LYS A 100 -8.40 -11.82 -0.22
N TRP A 101 -8.06 -12.77 0.65
CA TRP A 101 -7.45 -14.06 0.21
C TRP A 101 -7.57 -15.08 1.29
N ASP A 102 -7.88 -16.31 0.87
CA ASP A 102 -7.98 -17.43 1.86
C ASP A 102 -8.88 -17.17 3.06
N GLY A 103 -10.02 -16.54 2.85
CA GLY A 103 -10.92 -16.13 3.93
C GLY A 103 -10.47 -15.10 4.94
N LYS A 104 -9.38 -14.43 4.58
CA LYS A 104 -8.72 -13.39 5.36
C LYS A 104 -8.91 -12.06 4.65
N SER A 105 -8.61 -11.01 5.42
CA SER A 105 -8.75 -9.63 4.84
C SER A 105 -7.78 -8.72 5.54
N THR A 106 -7.19 -7.80 4.81
CA THR A 106 -6.39 -6.71 5.36
C THR A 106 -6.74 -5.43 4.63
N THR A 107 -6.66 -4.30 5.34
CA THR A 107 -7.01 -3.00 4.77
C THR A 107 -5.84 -2.06 4.95
N ILE A 108 -5.50 -1.42 3.83
CA ILE A 108 -4.43 -0.42 3.71
C ILE A 108 -5.06 0.89 3.40
N LYS A 109 -4.91 1.88 4.27
CA LYS A 109 -5.49 3.25 4.06
C LYS A 109 -4.33 4.18 3.75
N ARG A 110 -4.54 5.09 2.80
CA ARG A 110 -3.58 6.10 2.43
C ARG A 110 -4.28 7.45 2.60
N LYS A 111 -3.64 8.36 3.31
CA LYS A 111 -4.25 9.68 3.57
C LYS A 111 -3.11 10.74 3.51
N ARG A 112 -3.50 11.92 3.09
CA ARG A 112 -2.64 13.08 3.15
C ARG A 112 -2.84 13.79 4.46
N GLU A 113 -1.72 14.02 5.17
CA GLU A 113 -1.71 14.72 6.43
C GLU A 113 -0.52 15.66 6.42
N ASP A 114 -0.79 16.96 6.41
CA ASP A 114 0.23 17.98 6.28
C ASP A 114 0.98 17.70 4.99
N ASP A 115 2.33 17.67 4.92
CA ASP A 115 3.08 17.37 3.74
C ASP A 115 3.41 15.89 3.60
N LYS A 116 2.80 15.07 4.43
CA LYS A 116 3.07 13.61 4.41
C LYS A 116 1.93 12.85 3.77
N LEU A 117 2.25 11.65 3.33
CA LEU A 117 1.29 10.64 2.95
C LEU A 117 1.45 9.51 3.96
N VAL A 118 0.43 9.26 4.72
CA VAL A 118 0.45 8.31 5.82
C VAL A 118 -0.29 7.03 5.36
N VAL A 119 0.37 5.91 5.48
CA VAL A 119 -0.17 4.59 5.09
C VAL A 119 -0.42 3.83 6.42
N GLU A 120 -1.64 3.38 6.60
CA GLU A 120 -2.04 2.58 7.76
C GLU A 120 -2.43 1.22 7.28
N CYS A 121 -1.69 0.18 7.71
CA CYS A 121 -1.96 -1.21 7.33
C CYS A 121 -2.54 -1.91 8.54
N VAL A 122 -3.71 -2.56 8.38
CA VAL A 122 -4.41 -3.13 9.50
C VAL A 122 -4.75 -4.58 9.17
N MET A 123 -4.41 -5.47 10.10
CA MET A 123 -4.84 -6.88 9.98
C MET A 123 -5.30 -7.23 11.41
N LYS A 124 -6.57 -7.63 11.52
CA LYS A 124 -7.18 -7.89 12.77
C LYS A 124 -6.92 -6.73 13.72
N GLY A 125 -6.36 -6.98 14.86
CA GLY A 125 -6.09 -5.89 15.85
C GLY A 125 -4.74 -5.20 15.68
N VAL A 126 -3.98 -5.53 14.64
CA VAL A 126 -2.62 -5.04 14.48
C VAL A 126 -2.55 -4.00 13.38
N THR A 127 -2.04 -2.80 13.76
CA THR A 127 -1.83 -1.69 12.82
C THR A 127 -0.35 -1.40 12.63
N SER A 128 0.09 -1.14 11.42
CA SER A 128 1.37 -0.59 11.14
C SER A 128 1.18 0.76 10.45
N THR A 129 1.90 1.79 10.88
CA THR A 129 1.84 3.15 10.33
C THR A 129 3.17 3.41 9.63
N ARG A 130 3.05 3.77 8.32
CA ARG A 130 4.19 4.01 7.51
CA ARG A 130 4.18 3.94 7.40
C ARG A 130 4.05 5.38 6.87
N VAL A 131 5.00 6.24 7.13
CA VAL A 131 4.96 7.67 6.80
C VAL A 131 5.89 7.92 5.62
N TYR A 132 5.30 8.56 4.58
CA TYR A 132 6.04 8.94 3.37
C TYR A 132 6.13 10.49 3.26
N GLU A 133 7.22 10.98 2.71
CA GLU A 133 7.52 12.42 2.41
CA GLU A 133 7.17 12.41 2.33
C GLU A 133 7.63 12.52 0.89
N ARG A 134 7.43 13.72 0.30
CA ARG A 134 7.70 13.89 -1.13
C ARG A 134 9.16 13.62 -1.39
N ALA A 135 9.44 12.97 -2.47
CA ALA A 135 10.81 12.56 -2.82
C ALA A 135 11.59 13.66 -3.45
C10 WN0 B . 7.05 -4.22 1.55
C11 WN0 B . 6.98 -1.88 1.00
C13 WN0 B . 1.89 -6.10 2.79
C15 WN0 B . 7.74 -2.96 1.37
C16 WN0 B . 5.23 -7.29 3.25
C17 WN0 B . 2.98 -6.34 3.77
C20 WN0 B . 3.83 -7.52 3.57
N1 WN0 B . 3.52 -3.40 1.03
C2 WN0 B . 4.86 -3.10 1.03
C3 WN0 B . 3.43 -4.80 1.23
C4 WN0 B . 2.41 -2.58 0.52
C5 WN0 B . 5.61 -4.23 1.34
C6 WN0 B . 5.58 -1.88 0.83
C7 WN0 B . 4.73 -5.38 1.50
C8 WN0 B . 2.31 -5.75 1.33
C9 WN0 B . 1.68 -1.72 1.50
C12 WN0 B . 5.25 -6.74 1.86
C14 WN0 B . 2.56 -0.58 1.97
N18 WN0 B . 2.90 0.63 1.42
N19 WN0 B . 3.22 -0.78 3.08
N21 WN0 B . 3.83 1.12 2.26
N22 WN0 B . 4.05 0.21 3.24
H30 WN0 B . 7.54 -5.01 1.79
H31 WN0 B . 7.44 -1.04 0.88
H35 WN0 B . 1.31 -6.88 2.78
H34 WN0 B . 1.37 -5.34 3.13
H36 WN0 B . 8.71 -2.90 1.46
H37 WN0 B . 5.61 -6.65 3.86
H38 WN0 B . 5.74 -8.13 3.29
H39 WN0 B . 2.56 -6.46 4.63
H40 WN0 B . 3.54 -5.55 3.84
H42 WN0 B . 3.78 -8.06 4.39
H43 WN0 B . 3.43 -8.04 2.87
H23 WN0 B . 1.77 -3.17 0.12
H24 WN0 B . 2.76 -2.01 -0.17
H25 WN0 B . 5.10 -1.06 0.59
H26 WN0 B . 2.54 -6.57 0.86
H27 WN0 B . 1.53 -5.35 0.89
H29 WN0 B . 1.42 -2.25 2.26
H28 WN0 B . 0.89 -1.34 1.07
H33 WN0 B . 6.19 -6.75 1.59
H32 WN0 B . 4.81 -7.38 1.29
S SO4 C . 1.43 19.65 -1.58
O1 SO4 C . 1.08 20.94 -2.19
O2 SO4 C . 2.85 19.25 -1.92
O3 SO4 C . 1.28 19.63 -0.08
O4 SO4 C . 0.49 18.71 -2.14
C FMT D . -9.72 -6.03 7.68
O1 FMT D . -8.52 -5.48 8.28
O2 FMT D . -9.68 -5.85 6.23
H FMT D . -10.54 -6.50 8.20
HO2 FMT D . -9.25 -5.07 5.86
S SO4 E . 9.08 -1.63 11.90
O1 SO4 E . 10.11 -1.37 10.76
O2 SO4 E . 7.98 -0.82 11.55
O3 SO4 E . 9.76 -1.18 13.18
O4 SO4 E . 8.78 -3.20 12.17
#